data_8R8A
#
_entry.id   8R8A
#
_cell.length_a   36.696
_cell.length_b   36.782
_cell.length_c   94.786
_cell.angle_alpha   90.000
_cell.angle_beta   99.237
_cell.angle_gamma   90.000
#
_symmetry.space_group_name_H-M   'I 1 2 1'
#
loop_
_entity.id
_entity.type
_entity.pdbx_description
1 polymer 'Nigrin b-like'
2 branched beta-D-galactopyranose-(1-4)-2-acetamido-2-deoxy-alpha-D-glucopyranose
3 non-polymer 'CADMIUM ION'
4 water water
#
_entity_poly.entity_id   1
_entity_poly.type   'polypeptide(L)'
_entity_poly.pdbx_seq_one_letter_code
;GAMVSRSTHLVGQDGLCLDVIGGYSDNHVPTQLWPCGPQNNQLWTIQADGTIRTMGKCLVPNGHDPGSYTMIDDCNKADP
NDKTWKLYPDGTLTHVRSSLVLTSQGTGAYAITTIETNTSAPTQSWGTAD
;
_entity_poly.pdbx_strand_id   A
#
# COMPACT_ATOMS: atom_id res chain seq x y z
N VAL A 4 -14.89 -4.43 -10.60
CA VAL A 4 -14.31 -5.79 -10.51
C VAL A 4 -12.93 -5.68 -9.88
N SER A 5 -12.50 -6.73 -9.21
CA SER A 5 -11.20 -6.72 -8.58
C SER A 5 -10.17 -6.74 -9.70
N ARG A 6 -9.02 -6.08 -9.48
CA ARG A 6 -7.95 -6.11 -10.45
C ARG A 6 -6.64 -6.39 -9.72
N SER A 7 -5.86 -7.34 -10.22
N SER A 7 -5.86 -7.34 -10.21
CA SER A 7 -4.56 -7.68 -9.66
CA SER A 7 -4.56 -7.66 -9.65
C SER A 7 -3.49 -6.94 -10.44
C SER A 7 -3.49 -6.93 -10.44
N THR A 8 -2.49 -6.39 -9.75
CA THR A 8 -1.57 -5.50 -10.39
C THR A 8 -0.34 -5.28 -9.51
N HIS A 9 0.68 -4.67 -10.08
CA HIS A 9 1.74 -4.14 -9.28
C HIS A 9 1.43 -2.69 -8.96
N LEU A 10 1.95 -2.18 -7.86
CA LEU A 10 1.78 -0.77 -7.52
C LEU A 10 3.11 -0.13 -7.68
N VAL A 11 3.29 0.68 -8.69
CA VAL A 11 4.57 1.20 -9.09
C VAL A 11 4.74 2.64 -8.64
N GLY A 12 5.77 2.90 -7.89
CA GLY A 12 6.00 4.21 -7.34
C GLY A 12 7.30 4.87 -7.81
N GLN A 13 7.94 5.57 -6.92
CA GLN A 13 9.13 6.37 -7.25
C GLN A 13 10.18 5.55 -7.99
N ASP A 14 10.65 6.11 -9.13
CA ASP A 14 11.71 5.53 -9.94
C ASP A 14 11.39 4.15 -10.52
N GLY A 15 10.12 3.82 -10.60
CA GLY A 15 9.69 2.56 -11.14
C GLY A 15 9.83 1.37 -10.21
N LEU A 16 10.05 1.62 -8.92
N LEU A 16 10.05 1.62 -8.92
CA LEU A 16 10.09 0.54 -7.94
CA LEU A 16 10.09 0.54 -7.93
C LEU A 16 8.67 0.16 -7.55
C LEU A 16 8.67 0.16 -7.55
N CYS A 17 8.52 -1.01 -6.95
CA CYS A 17 7.22 -1.55 -6.62
C CYS A 17 6.93 -1.62 -5.14
N LEU A 18 5.66 -1.45 -4.77
CA LEU A 18 5.22 -1.63 -3.38
C LEU A 18 5.42 -3.10 -3.06
N ASP A 19 6.06 -3.37 -1.93
CA ASP A 19 6.59 -4.69 -1.59
C ASP A 19 6.44 -4.98 -0.09
N VAL A 20 5.94 -6.15 0.27
CA VAL A 20 5.91 -6.55 1.69
C VAL A 20 7.29 -7.08 2.04
N ILE A 21 7.97 -6.46 2.99
N ILE A 21 7.97 -6.47 2.98
CA ILE A 21 9.36 -6.79 3.28
CA ILE A 21 9.36 -6.79 3.27
C ILE A 21 9.57 -8.28 3.59
C ILE A 21 9.57 -8.28 3.58
N GLY A 22 10.49 -8.89 2.82
CA GLY A 22 10.85 -10.29 3.01
C GLY A 22 9.87 -11.29 2.42
N GLY A 23 8.78 -10.82 1.86
CA GLY A 23 7.76 -11.71 1.29
C GLY A 23 6.91 -12.40 2.32
N TYR A 24 7.04 -12.01 3.60
CA TYR A 24 6.30 -12.68 4.68
C TYR A 24 4.87 -12.16 4.74
N SER A 25 3.89 -13.05 5.00
CA SER A 25 2.49 -12.68 5.01
C SER A 25 1.90 -12.61 6.42
N ASP A 26 2.80 -12.58 7.41
CA ASP A 26 2.41 -12.44 8.79
C ASP A 26 1.75 -11.10 9.03
N ASN A 27 0.85 -11.02 9.99
CA ASN A 27 0.29 -9.73 10.34
C ASN A 27 1.36 -8.74 10.80
N HIS A 28 1.25 -7.50 10.37
CA HIS A 28 2.07 -6.38 10.82
C HIS A 28 3.44 -6.31 10.17
N VAL A 29 3.62 -7.02 9.06
CA VAL A 29 4.84 -6.86 8.28
C VAL A 29 4.74 -5.59 7.45
N PRO A 30 5.72 -4.68 7.55
CA PRO A 30 5.62 -3.42 6.83
C PRO A 30 5.82 -3.53 5.32
N THR A 31 5.40 -2.50 4.61
CA THR A 31 5.65 -2.39 3.18
C THR A 31 6.75 -1.38 2.86
N GLN A 32 7.39 -1.56 1.73
CA GLN A 32 8.52 -0.77 1.30
C GLN A 32 8.47 -0.64 -0.22
N LEU A 33 9.45 0.06 -0.79
CA LEU A 33 9.72 0.00 -2.23
C LEU A 33 10.80 -1.01 -2.51
N TRP A 34 10.67 -1.70 -3.62
CA TRP A 34 11.65 -2.71 -3.97
C TRP A 34 11.63 -2.86 -5.47
N PRO A 35 12.79 -3.19 -6.08
CA PRO A 35 12.80 -3.45 -7.52
C PRO A 35 11.74 -4.45 -7.90
N CYS A 36 11.04 -4.14 -8.98
CA CYS A 36 9.88 -4.93 -9.37
C CYS A 36 10.28 -6.34 -9.80
N GLY A 37 9.50 -7.31 -9.43
CA GLY A 37 9.70 -8.69 -9.86
C GLY A 37 8.41 -9.47 -9.76
N PRO A 38 8.42 -10.78 -10.05
CA PRO A 38 7.21 -11.59 -10.12
C PRO A 38 6.73 -12.17 -8.79
N GLN A 39 7.43 -11.83 -7.70
CA GLN A 39 7.11 -12.40 -6.40
C GLN A 39 5.72 -11.99 -5.89
N ASN A 40 5.06 -12.89 -5.16
CA ASN A 40 3.66 -12.68 -4.77
C ASN A 40 3.46 -11.44 -3.88
N ASN A 41 4.49 -11.04 -3.13
CA ASN A 41 4.42 -9.90 -2.21
C ASN A 41 4.54 -8.56 -2.92
N GLN A 42 4.50 -8.57 -4.27
CA GLN A 42 4.41 -7.38 -5.09
C GLN A 42 3.14 -7.42 -5.94
N LEU A 43 2.28 -8.40 -5.72
CA LEU A 43 1.02 -8.52 -6.45
C LEU A 43 -0.11 -8.07 -5.55
N TRP A 44 -0.78 -7.01 -5.96
CA TRP A 44 -1.80 -6.40 -5.14
C TRP A 44 -3.14 -6.48 -5.84
N THR A 45 -4.20 -6.76 -5.11
N THR A 45 -4.20 -6.74 -5.10
CA THR A 45 -5.53 -6.76 -5.70
CA THR A 45 -5.52 -6.75 -5.67
C THR A 45 -6.30 -5.59 -5.15
C THR A 45 -6.31 -5.58 -5.14
N ILE A 46 -6.66 -4.71 -6.04
CA ILE A 46 -7.52 -3.58 -5.74
C ILE A 46 -8.98 -4.03 -5.82
N GLN A 47 -9.70 -3.98 -4.71
CA GLN A 47 -11.08 -4.44 -4.74
C GLN A 47 -12.08 -3.29 -4.68
N ALA A 48 -13.30 -3.53 -5.25
CA ALA A 48 -14.38 -2.57 -5.19
C ALA A 48 -14.80 -2.19 -3.79
N ASP A 49 -14.52 -3.10 -2.81
CA ASP A 49 -14.84 -2.84 -1.42
C ASP A 49 -13.87 -1.84 -0.82
N GLY A 50 -12.86 -1.39 -1.59
CA GLY A 50 -11.93 -0.42 -1.10
C GLY A 50 -10.68 -1.01 -0.47
N THR A 51 -10.58 -2.31 -0.32
CA THR A 51 -9.33 -2.89 0.19
C THR A 51 -8.30 -3.07 -0.90
N ILE A 52 -7.06 -3.17 -0.48
CA ILE A 52 -5.94 -3.45 -1.36
C ILE A 52 -5.23 -4.62 -0.75
N ARG A 53 -5.15 -5.77 -1.41
CA ARG A 53 -4.71 -7.01 -0.78
C ARG A 53 -3.54 -7.66 -1.44
N THR A 54 -2.72 -8.32 -0.63
CA THR A 54 -1.65 -9.16 -1.13
C THR A 54 -1.51 -10.37 -0.20
N MET A 55 -1.29 -11.54 -0.80
CA MET A 55 -1.07 -12.73 0.00
C MET A 55 -2.21 -12.99 0.98
N GLY A 56 -3.43 -12.57 0.61
CA GLY A 56 -4.60 -12.76 1.45
C GLY A 56 -4.80 -11.71 2.55
N LYS A 57 -3.86 -10.76 2.68
CA LYS A 57 -3.91 -9.77 3.75
C LYS A 57 -4.18 -8.41 3.15
N CYS A 58 -4.53 -7.45 4.02
CA CYS A 58 -4.90 -6.11 3.58
C CYS A 58 -3.83 -5.06 3.91
N LEU A 59 -3.60 -4.15 2.99
CA LEU A 59 -2.76 -2.98 3.27
C LEU A 59 -3.49 -2.08 4.25
N VAL A 60 -2.81 -1.68 5.32
CA VAL A 60 -3.38 -0.80 6.32
C VAL A 60 -2.27 0.10 6.84
N PRO A 61 -2.57 1.35 7.25
CA PRO A 61 -1.61 2.09 8.04
C PRO A 61 -1.65 1.66 9.48
N ASN A 62 -0.53 1.79 10.20
CA ASN A 62 -0.52 1.53 11.64
C ASN A 62 -0.89 2.85 12.34
N GLY A 63 -2.11 3.28 12.25
CA GLY A 63 -2.55 4.55 12.77
C GLY A 63 -3.21 5.36 11.68
N HIS A 64 -3.53 6.61 11.98
CA HIS A 64 -4.26 7.48 11.06
C HIS A 64 -3.68 8.88 11.05
N ASP A 65 -2.44 9.00 11.48
CA ASP A 65 -1.77 10.30 11.52
C ASP A 65 -0.66 10.40 10.51
N PRO A 66 -0.30 11.62 10.11
CA PRO A 66 0.84 11.77 9.22
C PRO A 66 2.04 11.08 9.80
N GLY A 67 2.74 10.33 8.97
CA GLY A 67 3.94 9.63 9.38
C GLY A 67 3.69 8.22 9.84
N SER A 68 2.45 7.76 9.85
CA SER A 68 2.13 6.39 10.20
C SER A 68 2.66 5.46 9.10
N TYR A 69 3.32 4.39 9.48
CA TYR A 69 3.81 3.47 8.48
C TYR A 69 2.68 2.56 8.01
N THR A 70 2.91 1.93 6.85
CA THR A 70 1.95 0.98 6.32
C THR A 70 2.48 -0.44 6.37
N MET A 71 1.56 -1.38 6.35
CA MET A 71 1.87 -2.75 6.61
C MET A 71 0.70 -3.59 6.11
N ILE A 72 0.84 -4.89 6.23
CA ILE A 72 -0.30 -5.78 5.96
C ILE A 72 -0.88 -6.29 7.26
N ASP A 73 -2.18 -6.63 7.23
CA ASP A 73 -2.86 -7.16 8.38
C ASP A 73 -4.08 -7.96 7.94
N ASP A 74 -4.62 -8.72 8.86
CA ASP A 74 -5.81 -9.54 8.60
C ASP A 74 -6.97 -8.62 8.29
N CYS A 75 -7.59 -8.86 7.14
CA CYS A 75 -8.60 -7.95 6.64
CA CYS A 75 -8.64 -7.99 6.67
C CYS A 75 -9.87 -8.02 7.46
C CYS A 75 -9.85 -8.02 7.63
N ASN A 76 -10.35 -9.24 7.58
N ASN A 76 -9.97 -9.13 8.38
CA ASN A 76 -11.66 -9.36 8.17
CA ASN A 76 -11.01 -9.28 9.41
C ASN A 76 -11.67 -8.75 9.57
C ASN A 76 -10.55 -8.77 10.77
N LYS A 77 -10.56 -8.80 10.32
N LYS A 77 -9.27 -8.44 10.92
CA LYS A 77 -10.52 -8.22 11.65
CA LYS A 77 -8.79 -7.79 12.14
C LYS A 77 -10.36 -6.68 11.62
C LYS A 77 -8.62 -6.31 11.85
N ALA A 78 -9.73 -6.14 10.56
N ALA A 78 -9.31 -5.84 10.80
CA ALA A 78 -9.49 -4.70 10.45
CA ALA A 78 -9.30 -4.46 10.42
C ALA A 78 -10.82 -3.97 10.28
C ALA A 78 -10.73 -3.92 10.28
N ASP A 79 -10.96 -2.77 10.83
CA ASP A 79 -12.18 -1.97 10.64
C ASP A 79 -12.09 -1.26 9.28
N PRO A 80 -13.24 -0.85 8.72
CA PRO A 80 -13.21 -0.14 7.43
C PRO A 80 -12.26 1.04 7.39
N ASN A 81 -12.16 1.77 8.49
N ASN A 81 -12.16 1.78 8.47
CA ASN A 81 -11.28 2.95 8.49
CA ASN A 81 -11.26 2.94 8.48
C ASN A 81 -9.83 2.56 8.23
C ASN A 81 -9.83 2.54 8.20
N ASP A 82 -9.41 1.41 8.73
CA ASP A 82 -8.05 0.97 8.54
C ASP A 82 -7.76 0.50 7.14
N LYS A 83 -8.70 -0.17 6.48
CA LYS A 83 -8.38 -0.89 5.27
C LYS A 83 -8.94 -0.27 4.00
N THR A 84 -9.59 0.87 4.08
CA THR A 84 -10.24 1.41 2.90
C THR A 84 -9.33 2.45 2.21
N TRP A 85 -9.06 2.23 0.95
CA TRP A 85 -8.20 3.09 0.14
C TRP A 85 -8.89 3.46 -1.16
N LYS A 86 -8.43 4.51 -1.81
CA LYS A 86 -8.91 4.85 -3.12
C LYS A 86 -7.71 5.29 -3.97
N LEU A 87 -7.57 4.63 -5.10
CA LEU A 87 -6.53 4.97 -6.05
C LEU A 87 -7.10 5.85 -7.14
N TYR A 88 -6.63 7.04 -7.24
CA TYR A 88 -7.13 7.97 -8.22
C TYR A 88 -6.33 7.83 -9.48
N PRO A 89 -6.95 8.25 -10.62
CA PRO A 89 -6.28 8.05 -11.91
C PRO A 89 -4.95 8.77 -12.08
N ASP A 90 -4.79 9.90 -11.38
CA ASP A 90 -3.54 10.65 -11.49
C ASP A 90 -2.42 10.04 -10.65
N GLY A 91 -2.73 9.01 -9.86
CA GLY A 91 -1.66 8.37 -9.09
C GLY A 91 -1.79 8.47 -7.59
N THR A 92 -2.66 9.34 -7.11
CA THR A 92 -2.81 9.53 -5.67
C THR A 92 -3.49 8.31 -5.07
N LEU A 93 -2.92 7.76 -4.01
CA LEU A 93 -3.48 6.60 -3.35
C LEU A 93 -3.86 7.04 -1.97
N THR A 94 -5.14 7.33 -1.80
CA THR A 94 -5.66 7.91 -0.59
C THR A 94 -6.15 6.91 0.45
N HIS A 95 -5.74 7.13 1.69
CA HIS A 95 -6.32 6.43 2.83
C HIS A 95 -7.62 7.16 3.14
N VAL A 96 -8.74 6.52 2.85
CA VAL A 96 -10.02 7.26 2.81
C VAL A 96 -10.41 7.97 4.11
N ARG A 97 -10.27 7.31 5.24
CA ARG A 97 -10.72 7.89 6.51
C ARG A 97 -9.93 9.15 6.82
N SER A 98 -8.59 9.11 6.67
CA SER A 98 -7.72 10.21 7.07
C SER A 98 -7.48 11.24 5.98
N SER A 99 -7.75 10.89 4.72
CA SER A 99 -7.41 11.72 3.57
C SER A 99 -5.88 11.81 3.32
N LEU A 100 -5.09 11.10 4.13
CA LEU A 100 -3.64 11.07 3.91
C LEU A 100 -3.36 10.13 2.76
N VAL A 101 -2.16 10.22 2.19
CA VAL A 101 -1.86 9.49 0.97
C VAL A 101 -0.61 8.64 1.14
N LEU A 102 -0.58 7.52 0.41
CA LEU A 102 0.58 6.61 0.49
C LEU A 102 1.81 7.33 -0.08
N THR A 103 2.89 7.26 0.68
CA THR A 103 4.09 8.06 0.39
C THR A 103 5.32 7.19 0.58
N SER A 104 6.16 7.12 -0.44
CA SER A 104 7.42 6.41 -0.31
C SER A 104 8.44 7.28 0.44
N GLN A 105 9.46 6.63 1.02
CA GLN A 105 10.46 7.25 1.89
C GLN A 105 11.86 6.90 1.45
N GLY A 106 12.02 6.67 0.17
CA GLY A 106 13.31 6.31 -0.36
C GLY A 106 13.25 5.11 -1.26
N THR A 107 14.24 5.02 -2.12
CA THR A 107 14.34 3.90 -3.03
C THR A 107 15.40 2.89 -2.61
N GLY A 108 16.14 3.21 -1.56
CA GLY A 108 17.10 2.24 -1.03
C GLY A 108 16.34 1.14 -0.26
N ALA A 109 17.03 0.10 0.16
CA ALA A 109 16.40 -1.07 0.82
C ALA A 109 15.78 -0.68 2.15
N TYR A 110 14.59 -1.25 2.35
CA TYR A 110 13.93 -1.17 3.61
C TYR A 110 13.42 0.23 3.91
N ALA A 111 13.08 0.96 2.85
CA ALA A 111 12.47 2.27 2.99
C ALA A 111 10.98 2.08 3.15
N ILE A 112 10.52 2.12 4.37
N ILE A 112 10.52 2.12 4.37
CA ILE A 112 9.13 1.80 4.67
CA ILE A 112 9.13 1.81 4.68
C ILE A 112 8.19 2.94 4.26
C ILE A 112 8.20 2.94 4.25
N THR A 113 7.11 2.56 3.61
CA THR A 113 6.16 3.55 3.17
C THR A 113 5.27 4.02 4.31
N THR A 114 4.75 5.23 4.16
CA THR A 114 3.90 5.83 5.16
C THR A 114 2.68 6.48 4.53
N ILE A 115 1.77 6.97 5.37
CA ILE A 115 0.72 7.87 4.90
C ILE A 115 1.09 9.30 5.39
N GLU A 116 0.94 10.26 4.50
CA GLU A 116 1.37 11.64 4.78
C GLU A 116 0.38 12.60 4.18
N THR A 117 0.48 13.86 4.64
CA THR A 117 -0.27 14.93 4.01
C THR A 117 0.11 14.97 2.54
N ASN A 118 -0.88 15.09 1.67
CA ASN A 118 -0.66 15.19 0.25
C ASN A 118 0.05 16.47 -0.12
N THR A 119 1.17 16.38 -0.81
CA THR A 119 1.93 17.52 -1.30
C THR A 119 2.15 17.36 -2.79
N SER A 120 1.41 16.43 -3.41
N SER A 120 1.40 16.44 -3.41
CA SER A 120 1.60 16.08 -4.78
CA SER A 120 1.59 16.06 -4.80
C SER A 120 3.09 15.87 -5.07
C SER A 120 3.09 15.85 -5.08
N ALA A 121 3.77 15.15 -4.17
CA ALA A 121 5.19 14.84 -4.32
C ALA A 121 5.36 13.66 -5.29
N PRO A 122 6.57 13.50 -5.87
CA PRO A 122 6.82 12.34 -6.73
C PRO A 122 6.82 11.03 -5.95
N THR A 123 6.89 11.07 -4.64
CA THR A 123 6.78 9.93 -3.74
C THR A 123 5.33 9.54 -3.49
N GLN A 124 4.38 10.30 -4.04
CA GLN A 124 2.95 10.12 -3.75
C GLN A 124 2.15 9.76 -4.98
N SER A 125 2.80 9.27 -6.02
CA SER A 125 2.16 8.88 -7.26
C SER A 125 2.35 7.40 -7.54
N TRP A 126 1.28 6.63 -7.63
CA TRP A 126 1.31 5.19 -7.75
C TRP A 126 0.54 4.75 -8.99
N GLY A 127 1.25 4.03 -9.83
CA GLY A 127 0.66 3.58 -11.08
C GLY A 127 0.45 2.08 -11.02
N THR A 128 -0.42 1.57 -11.84
CA THR A 128 -0.67 0.13 -11.93
C THR A 128 0.05 -0.39 -13.15
N ALA A 129 0.46 -1.65 -13.09
CA ALA A 129 1.11 -2.29 -14.22
C ALA A 129 0.88 -3.77 -14.11
N ASP A 130 0.82 -4.44 -15.26
CA ASP A 130 0.72 -5.90 -15.30
C ASP A 130 2.09 -6.51 -14.97
#